data_7JKL
#
_entry.id   7JKL
#
_cell.length_a   51.525
_cell.length_b   65.641
_cell.length_c   74.307
_cell.angle_alpha   69.440
_cell.angle_beta   83.430
_cell.angle_gamma   87.740
#
_symmetry.space_group_name_H-M   'P 1'
#
loop_
_entity.id
_entity.type
_entity.pdbx_description
1 polymer 'DNA-directed primase/polymerase protein'
2 polymer "DNA (5'-D(P*AP*(8OG)P*CP*GP*CP*TP*AP*CP*CP*AP*CP*AP*CP*CP*CP*C)-3')"
3 polymer "DNA (5'-D(*GP*GP*GP*TP*GP*TP*GP*GP*TP*AP*GP*CP*(DDG))-3')"
4 non-polymer "2'-DEOXYADENOSINE 5'-TRIPHOSPHATE"
5 non-polymer 'CALCIUM ION'
6 non-polymer GLYCEROL
7 water water
#
loop_
_entity_poly.entity_id
_entity_poly.type
_entity_poly.pdbx_seq_one_letter_code
_entity_poly.pdbx_strand_id
1 'polypeptide(L)'
;MNRKWEAKLKQIEERASHYERKPLSSVYRPRLSKPEEPPSIWRLFHRQAQAFNFVKSCKEDVHVFALECKVGDGQRIYLV
TTYAEFWFYYKSRKNLLHCYEVIPENAVCKLYFDLEFNKPANPGADGKKMVALLIEYVCKALQELYGVNCSAEDVLNLDS
STDEKFSRHLIFQLHDVAFKDNIHVGNFLRKILQPALDLLGSEDDDSAPETTGHGFPHFSEAPARQGFSFNKMFTEKATE
ESWTSNSKKLERLGSAEQSSPDLSFLVVKNNMGEKHLFVDLGVYTRNRNFRLYKSSKIGKRVALEVTEDNKFFPIQSKDV
SDEYQYFLSSLVSNVRFSDTLRILTCEPSQNKQK
;
A,B
2 'polydeoxyribonucleotide' (DC)(DA)(8OG)(DC)(DG)(DC)(DT)(DA)(DC)(DC)(DA)(DC)(DA)(DC)(DC)(DC)(DC) C,G
3 'polydeoxyribonucleotide' (DG)(DG)(DG)(DT)(DG)(DT)(DG)(DG)(DT)(DA)(DG)(DC)(DDG) D,H
#
loop_
_chem_comp.id
_chem_comp.type
_chem_comp.name
_chem_comp.formula
8OG DNA linking 8-OXO-2'-DEOXY-GUANOSINE-5'-MONOPHOSPHATE 'C10 H14 N5 O8 P'
CA non-polymer 'CALCIUM ION' 'Ca 2'
DA DNA linking 2'-DEOXYADENOSINE-5'-MONOPHOSPHATE 'C10 H14 N5 O6 P'
DC DNA linking 2'-DEOXYCYTIDINE-5'-MONOPHOSPHATE 'C9 H14 N3 O7 P'
DDG DNA linking 2',3'-DIDEOXY-GUANOSINE-5'-MONOPHOSPHATE 'C10 H14 N5 O6 P'
DG DNA linking 2'-DEOXYGUANOSINE-5'-MONOPHOSPHATE 'C10 H14 N5 O7 P'
DT DNA linking THYMIDINE-5'-MONOPHOSPHATE 'C10 H15 N2 O8 P'
DTP non-polymer '2'-DEOXYADENOSINE 5'-TRIPHOSPHATE' 'C10 H16 N5 O12 P3'
GOL non-polymer GLYCEROL 'C3 H8 O3'
#
# COMPACT_ATOMS: atom_id res chain seq x y z
N MET A 1 8.55 15.42 -5.64
CA MET A 1 8.80 16.84 -5.29
C MET A 1 8.65 17.73 -6.51
N ASN A 2 8.81 17.16 -7.70
CA ASN A 2 8.71 17.93 -8.93
C ASN A 2 7.26 18.28 -9.24
N ARG A 3 6.31 17.47 -8.78
CA ARG A 3 4.90 17.75 -9.05
C ARG A 3 4.38 18.92 -8.22
N LYS A 4 4.71 18.95 -6.93
CA LYS A 4 4.24 20.02 -6.07
C LYS A 4 4.84 21.37 -6.44
N TRP A 5 5.95 21.39 -7.19
CA TRP A 5 6.51 22.65 -7.65
C TRP A 5 5.63 23.29 -8.72
N GLU A 6 5.16 22.48 -9.67
CA GLU A 6 4.26 23.00 -10.70
C GLU A 6 2.95 23.49 -10.09
N ALA A 7 2.53 22.92 -8.97
CA ALA A 7 1.30 23.34 -8.31
C ALA A 7 1.50 24.65 -7.56
N LYS A 8 2.65 24.82 -6.91
CA LYS A 8 2.90 26.06 -6.18
C LYS A 8 3.28 27.20 -7.12
N LEU A 9 3.99 26.90 -8.21
CA LEU A 9 4.35 27.94 -9.17
C LEU A 9 3.14 28.41 -9.97
N LYS A 10 2.20 27.51 -10.25
CA LYS A 10 0.97 27.91 -10.91
C LYS A 10 0.08 28.74 -9.99
N GLN A 11 0.22 28.58 -8.67
CA GLN A 11 -0.60 29.33 -7.73
C GLN A 11 -0.18 30.78 -7.66
N ILE A 12 1.14 31.05 -7.67
CA ILE A 12 1.61 32.42 -7.61
C ILE A 12 1.23 33.17 -8.88
N GLU A 13 1.09 32.45 -10.01
CA GLU A 13 0.69 33.09 -11.25
C GLU A 13 -0.81 33.30 -11.32
N GLU A 14 -1.60 32.37 -10.77
CA GLU A 14 -3.05 32.54 -10.77
C GLU A 14 -3.47 33.77 -9.97
N ARG A 15 -2.67 34.17 -8.99
CA ARG A 15 -2.93 35.38 -8.20
C ARG A 15 -2.24 36.60 -8.77
N ALA A 16 -2.15 36.69 -10.09
CA ALA A 16 -1.48 37.83 -10.75
C ALA A 16 -2.21 38.20 -12.03
N GLU A 36 -30.20 28.64 13.58
CA GLU A 36 -29.08 27.73 13.37
C GLU A 36 -29.34 26.81 12.18
N GLU A 37 -28.63 27.05 11.08
CA GLU A 37 -28.74 26.21 9.91
C GLU A 37 -28.14 24.83 10.20
N PRO A 38 -28.42 23.84 9.35
CA PRO A 38 -27.89 22.51 9.59
C PRO A 38 -26.47 22.38 9.06
N PRO A 39 -25.71 21.37 9.50
CA PRO A 39 -24.34 21.21 9.00
C PRO A 39 -24.28 20.98 7.50
N SER A 40 -23.83 21.98 6.74
CA SER A 40 -23.74 21.90 5.30
C SER A 40 -22.36 22.32 4.83
N ILE A 41 -21.86 21.67 3.78
CA ILE A 41 -20.59 22.01 3.16
C ILE A 41 -20.82 21.98 1.66
N TRP A 42 -20.73 23.15 1.02
CA TRP A 42 -21.01 23.27 -0.41
C TRP A 42 -20.20 24.47 -0.91
N ARG A 43 -18.93 24.21 -1.25
CA ARG A 43 -18.00 25.25 -1.67
C ARG A 43 -17.66 25.07 -3.14
N LEU A 44 -17.73 26.16 -3.90
CA LEU A 44 -17.32 26.18 -5.30
C LEU A 44 -16.03 26.97 -5.44
N PHE A 45 -15.13 26.46 -6.28
CA PHE A 45 -13.82 27.06 -6.48
C PHE A 45 -13.52 27.18 -7.96
N HIS A 46 -12.93 28.31 -8.36
CA HIS A 46 -12.56 28.51 -9.75
C HIS A 46 -11.34 27.68 -10.13
N ARG A 47 -10.42 27.47 -9.18
CA ARG A 47 -9.20 26.72 -9.41
C ARG A 47 -9.26 25.39 -8.66
N GLN A 48 -8.72 24.35 -9.29
CA GLN A 48 -8.69 23.03 -8.65
C GLN A 48 -7.85 23.05 -7.38
N ALA A 49 -6.73 23.77 -7.40
CA ALA A 49 -5.86 23.82 -6.23
C ALA A 49 -6.57 24.40 -5.02
N GLN A 50 -7.39 25.42 -5.24
CA GLN A 50 -8.14 26.03 -4.13
C GLN A 50 -9.04 25.00 -3.47
N ALA A 51 -9.66 24.12 -4.26
CA ALA A 51 -10.54 23.10 -3.69
C ALA A 51 -9.76 22.13 -2.81
N PHE A 52 -8.71 21.53 -3.35
CA PHE A 52 -7.92 20.58 -2.56
C PHE A 52 -7.32 21.23 -1.32
N ASN A 53 -6.98 22.52 -1.41
CA ASN A 53 -6.52 23.22 -0.22
C ASN A 53 -7.59 23.25 0.85
N PHE A 54 -8.84 23.55 0.47
CA PHE A 54 -9.93 23.56 1.44
C PHE A 54 -10.16 22.19 2.04
N VAL A 55 -10.10 21.14 1.22
CA VAL A 55 -10.27 19.78 1.72
C VAL A 55 -9.31 19.53 2.88
N LYS A 56 -8.05 19.92 2.71
CA LYS A 56 -7.06 19.74 3.77
C LYS A 56 -7.51 20.42 5.05
N SER A 57 -7.84 21.71 4.97
CA SER A 57 -8.31 22.46 6.12
C SER A 57 -9.84 22.39 6.19
N CYS A 58 -10.32 21.21 6.57
CA CYS A 58 -11.75 20.94 6.61
C CYS A 58 -12.13 20.08 7.80
N LYS A 59 -11.43 18.97 7.98
CA LYS A 59 -11.64 17.99 9.04
C LYS A 59 -12.82 17.07 8.75
N GLU A 60 -13.68 17.40 7.80
CA GLU A 60 -14.82 16.57 7.44
C GLU A 60 -14.48 15.70 6.24
N ASP A 61 -15.17 14.57 6.14
CA ASP A 61 -14.95 13.62 5.05
C ASP A 61 -15.48 14.19 3.74
N VAL A 62 -14.83 15.23 3.24
CA VAL A 62 -15.28 15.93 2.06
C VAL A 62 -14.49 15.45 0.84
N HIS A 63 -14.99 15.76 -0.35
CA HIS A 63 -14.35 15.33 -1.59
C HIS A 63 -14.55 16.40 -2.65
N VAL A 64 -13.84 16.26 -3.76
CA VAL A 64 -13.79 17.26 -4.82
C VAL A 64 -14.49 16.72 -6.06
N PHE A 65 -15.46 17.49 -6.57
CA PHE A 65 -16.15 17.18 -7.80
C PHE A 65 -15.87 18.28 -8.82
N ALA A 66 -16.05 17.95 -10.10
CA ALA A 66 -15.81 18.88 -11.19
C ALA A 66 -17.07 19.00 -12.04
N LEU A 67 -17.53 20.22 -12.24
CA LEU A 67 -18.71 20.51 -13.04
C LEU A 67 -18.31 21.19 -14.34
N GLU A 68 -18.92 20.77 -15.44
CA GLU A 68 -18.64 21.39 -16.73
C GLU A 68 -19.50 22.65 -16.90
N CYS A 69 -18.84 23.78 -17.17
CA CYS A 69 -19.54 25.03 -17.32
C CYS A 69 -20.30 25.08 -18.65
N LYS A 70 -21.29 25.98 -18.70
CA LYS A 70 -22.14 26.11 -19.89
C LYS A 70 -21.32 26.27 -21.16
N VAL A 71 -20.08 26.76 -21.05
CA VAL A 71 -19.23 26.89 -22.24
C VAL A 71 -19.01 25.51 -22.84
N GLY A 72 -19.13 25.42 -24.16
CA GLY A 72 -18.97 24.16 -24.85
C GLY A 72 -17.64 23.49 -24.60
N ASP A 73 -16.60 24.27 -24.26
CA ASP A 73 -15.29 23.71 -24.00
C ASP A 73 -15.29 22.96 -22.67
N GLY A 74 -14.15 22.37 -22.33
CA GLY A 74 -13.99 21.64 -21.10
C GLY A 74 -13.80 22.49 -19.86
N GLN A 75 -14.05 23.80 -19.95
CA GLN A 75 -13.94 24.66 -18.79
C GLN A 75 -14.74 24.09 -17.63
N ARG A 76 -14.09 23.98 -16.48
CA ARG A 76 -14.67 23.30 -15.32
C ARG A 76 -14.62 24.18 -14.09
N ILE A 77 -15.62 24.01 -13.23
CA ILE A 77 -15.60 24.53 -11.86
C ILE A 77 -15.60 23.33 -10.92
N TYR A 78 -15.11 23.56 -9.71
CA TYR A 78 -14.84 22.48 -8.77
C TYR A 78 -15.68 22.66 -7.51
N LEU A 79 -16.48 21.65 -7.20
CA LEU A 79 -17.35 21.66 -6.03
C LEU A 79 -16.77 20.76 -4.94
N VAL A 80 -16.92 21.18 -3.69
CA VAL A 80 -16.40 20.44 -2.55
C VAL A 80 -17.55 20.21 -1.58
N THR A 81 -17.82 18.95 -1.27
CA THR A 81 -18.87 18.57 -0.33
C THR A 81 -18.75 17.07 -0.07
N THR A 82 -19.58 16.58 0.86
CA THR A 82 -19.58 15.17 1.20
C THR A 82 -20.33 14.37 0.13
N TYR A 83 -20.03 13.06 0.08
CA TYR A 83 -20.73 12.18 -0.85
C TYR A 83 -22.23 12.18 -0.57
N ALA A 84 -22.62 12.27 0.70
CA ALA A 84 -24.04 12.22 1.06
C ALA A 84 -24.77 13.47 0.61
N GLU A 85 -24.27 14.64 1.01
CA GLU A 85 -24.93 15.90 0.64
C GLU A 85 -24.92 16.09 -0.87
N PHE A 86 -23.85 15.67 -1.55
CA PHE A 86 -23.81 15.78 -3.00
C PHE A 86 -24.94 14.98 -3.64
N TRP A 87 -25.10 13.72 -3.24
CA TRP A 87 -26.16 12.89 -3.80
C TRP A 87 -27.54 13.44 -3.47
N PHE A 88 -27.66 14.18 -2.37
CA PHE A 88 -28.96 14.73 -1.99
C PHE A 88 -29.46 15.72 -3.04
N TYR A 89 -28.61 16.67 -3.42
CA TYR A 89 -28.95 17.66 -4.44
C TYR A 89 -28.62 17.17 -5.85
N TYR A 90 -28.41 15.86 -6.03
CA TYR A 90 -27.99 15.30 -7.29
C TYR A 90 -28.84 14.12 -7.75
N LYS A 91 -29.53 13.42 -6.85
CA LYS A 91 -30.21 12.19 -7.22
C LYS A 91 -31.35 12.44 -8.21
N SER A 92 -32.04 13.58 -8.08
CA SER A 92 -33.19 13.84 -8.95
C SER A 92 -32.80 14.02 -10.41
N ARG A 93 -31.56 14.39 -10.68
CA ARG A 93 -31.06 14.66 -12.03
C ARG A 93 -31.74 15.87 -12.68
N LYS A 94 -32.35 16.74 -11.87
CA LYS A 94 -32.84 18.01 -12.37
C LYS A 94 -31.76 19.08 -12.37
N ASN A 95 -30.78 18.95 -11.49
CA ASN A 95 -29.63 19.86 -11.43
C ASN A 95 -28.36 19.03 -11.36
N LEU A 96 -27.23 19.72 -11.46
CA LEU A 96 -25.91 19.09 -11.39
C LEU A 96 -25.79 17.98 -12.42
N LEU A 97 -25.88 18.37 -13.68
CA LEU A 97 -25.60 17.46 -14.79
C LEU A 97 -24.20 17.74 -15.34
N HIS A 98 -23.63 16.72 -15.97
CA HIS A 98 -22.28 16.81 -16.52
C HIS A 98 -21.25 16.99 -15.40
N CYS A 99 -21.33 16.11 -14.41
CA CYS A 99 -20.42 16.14 -13.27
C CYS A 99 -19.34 15.07 -13.43
N TYR A 100 -18.20 15.33 -12.79
CA TYR A 100 -17.07 14.42 -12.89
C TYR A 100 -16.45 14.24 -11.50
N GLU A 101 -15.94 13.04 -11.26
CA GLU A 101 -15.19 12.75 -10.05
C GLU A 101 -13.73 13.11 -10.28
N VAL A 102 -13.18 13.95 -9.41
CA VAL A 102 -11.76 14.29 -9.44
C VAL A 102 -11.03 13.23 -8.62
N ILE A 103 -10.30 12.34 -9.29
CA ILE A 103 -9.52 11.30 -8.64
C ILE A 103 -8.24 11.95 -8.12
N PRO A 104 -8.10 12.19 -6.81
CA PRO A 104 -6.92 12.91 -6.32
C PRO A 104 -5.64 12.10 -6.52
N GLU A 105 -4.56 12.80 -6.88
CA GLU A 105 -3.28 12.15 -7.03
C GLU A 105 -2.76 11.69 -5.67
N ASN A 106 -2.05 10.56 -5.68
CA ASN A 106 -1.46 9.96 -4.47
C ASN A 106 -2.51 9.24 -3.63
N ALA A 107 -3.79 9.49 -3.89
CA ALA A 107 -4.85 8.90 -3.10
C ALA A 107 -5.11 7.46 -3.54
N VAL A 108 -5.34 6.58 -2.56
CA VAL A 108 -5.69 5.21 -2.86
C VAL A 108 -6.98 5.18 -3.68
N CYS A 109 -7.09 4.22 -4.59
CA CYS A 109 -8.22 4.18 -5.50
C CYS A 109 -8.46 2.76 -5.98
N LYS A 110 -9.63 2.55 -6.59
CA LYS A 110 -10.00 1.25 -7.11
C LYS A 110 -9.46 1.06 -8.53
N LEU A 111 -9.47 -0.19 -8.98
CA LEU A 111 -9.15 -0.53 -10.35
C LEU A 111 -10.34 -0.20 -11.24
N TYR A 112 -10.11 0.62 -12.26
CA TYR A 112 -11.19 1.06 -13.15
C TYR A 112 -10.70 1.03 -14.59
N PHE A 113 -11.64 1.14 -15.52
CA PHE A 113 -11.36 1.06 -16.95
C PHE A 113 -12.25 2.05 -17.70
N ASP A 114 -11.70 2.58 -18.79
CA ASP A 114 -12.45 3.40 -19.74
C ASP A 114 -12.40 2.67 -21.08
N LEU A 115 -13.51 2.05 -21.45
CA LEU A 115 -13.60 1.23 -22.65
C LEU A 115 -14.42 1.93 -23.71
N GLU A 116 -13.95 1.90 -24.96
CA GLU A 116 -14.62 2.62 -26.03
C GLU A 116 -14.01 2.24 -27.37
N PHE A 117 -14.87 2.04 -28.36
CA PHE A 117 -14.43 1.89 -29.74
C PHE A 117 -15.50 2.46 -30.66
N ASN A 118 -15.10 2.77 -31.89
CA ASN A 118 -16.01 3.33 -32.88
C ASN A 118 -16.77 2.19 -33.57
N LYS A 119 -18.09 2.22 -33.47
CA LYS A 119 -18.89 1.13 -34.02
C LYS A 119 -18.76 1.00 -35.53
N PRO A 120 -18.91 2.07 -36.32
CA PRO A 120 -18.78 1.91 -37.78
C PRO A 120 -17.48 1.24 -38.20
N ALA A 121 -16.35 1.63 -37.62
CA ALA A 121 -15.05 1.11 -38.03
C ALA A 121 -14.78 -0.30 -37.52
N ASN A 122 -15.71 -0.91 -36.79
CA ASN A 122 -15.51 -2.25 -36.20
C ASN A 122 -16.81 -3.03 -36.33
N PRO A 123 -17.06 -3.65 -37.49
CA PRO A 123 -18.33 -4.36 -37.69
C PRO A 123 -18.50 -5.57 -36.77
N GLY A 124 -17.60 -6.54 -36.86
CA GLY A 124 -17.77 -7.80 -36.15
C GLY A 124 -17.16 -7.82 -34.76
N ALA A 125 -17.18 -6.70 -34.06
CA ALA A 125 -16.68 -6.61 -32.69
C ALA A 125 -17.86 -6.60 -31.74
N ASP A 126 -18.08 -7.71 -31.04
CA ASP A 126 -19.17 -7.80 -30.08
C ASP A 126 -18.75 -7.18 -28.77
N GLY A 127 -19.53 -6.19 -28.30
CA GLY A 127 -19.17 -5.48 -27.08
C GLY A 127 -19.22 -6.34 -25.84
N LYS A 128 -20.13 -7.32 -25.80
CA LYS A 128 -20.27 -8.16 -24.61
C LYS A 128 -19.07 -9.09 -24.43
N LYS A 129 -18.70 -9.81 -25.49
CA LYS A 129 -17.60 -10.75 -25.37
C LYS A 129 -16.28 -10.05 -25.10
N MET A 130 -16.14 -8.80 -25.55
CA MET A 130 -14.88 -8.09 -25.37
C MET A 130 -14.68 -7.69 -23.92
N VAL A 131 -15.72 -7.16 -23.28
CA VAL A 131 -15.62 -6.77 -21.88
C VAL A 131 -15.50 -8.01 -20.99
N ALA A 132 -16.20 -9.09 -21.35
CA ALA A 132 -16.12 -10.31 -20.57
C ALA A 132 -14.74 -10.93 -20.66
N LEU A 133 -14.17 -11.00 -21.87
CA LEU A 133 -12.82 -11.53 -22.03
C LEU A 133 -11.80 -10.64 -21.35
N LEU A 134 -12.00 -9.31 -21.41
CA LEU A 134 -11.10 -8.39 -20.71
C LEU A 134 -11.10 -8.68 -19.22
N ILE A 135 -12.28 -8.80 -18.62
CA ILE A 135 -12.37 -9.09 -17.19
C ILE A 135 -11.72 -10.43 -16.88
N GLU A 136 -12.00 -11.45 -17.70
CA GLU A 136 -11.40 -12.76 -17.49
C GLU A 136 -9.88 -12.69 -17.48
N TYR A 137 -9.31 -11.75 -18.22
CA TYR A 137 -7.85 -11.62 -18.28
C TYR A 137 -7.31 -10.86 -17.07
N VAL A 138 -7.88 -9.70 -16.78
CA VAL A 138 -7.41 -8.89 -15.65
C VAL A 138 -7.53 -9.68 -14.36
N CYS A 139 -8.64 -10.40 -14.19
CA CYS A 139 -8.80 -11.23 -13.00
C CYS A 139 -7.66 -12.25 -12.89
N LYS A 140 -7.28 -12.86 -14.01
CA LYS A 140 -6.13 -13.75 -14.01
C LYS A 140 -4.87 -13.01 -13.62
N ALA A 141 -4.69 -11.80 -14.15
CA ALA A 141 -3.51 -11.01 -13.81
C ALA A 141 -3.48 -10.67 -12.33
N LEU A 142 -4.63 -10.29 -11.77
CA LEU A 142 -4.69 -9.97 -10.34
C LEU A 142 -4.33 -11.18 -9.49
N GLN A 143 -4.64 -12.38 -9.98
CA GLN A 143 -4.32 -13.59 -9.23
C GLN A 143 -2.82 -13.88 -9.27
N GLU A 144 -2.21 -13.80 -10.45
CA GLU A 144 -0.81 -14.18 -10.59
C GLU A 144 0.11 -13.16 -9.92
N LEU A 145 -0.09 -11.87 -10.21
CA LEU A 145 0.84 -10.85 -9.74
C LEU A 145 0.65 -10.55 -8.26
N TYR A 146 -0.59 -10.46 -7.80
CA TYR A 146 -0.88 -10.04 -6.44
C TYR A 146 -1.60 -11.08 -5.59
N GLY A 147 -1.98 -12.23 -6.16
CA GLY A 147 -2.74 -13.21 -5.42
C GLY A 147 -4.19 -12.83 -5.16
N VAL A 148 -4.66 -11.72 -5.71
CA VAL A 148 -6.04 -11.30 -5.55
C VAL A 148 -6.93 -12.14 -6.46
N ASN A 149 -8.08 -12.56 -5.95
CA ASN A 149 -9.04 -13.34 -6.72
C ASN A 149 -10.36 -12.59 -6.77
N CYS A 150 -10.96 -12.56 -7.96
CA CYS A 150 -12.24 -11.91 -8.16
C CYS A 150 -12.78 -12.33 -9.53
N SER A 151 -14.06 -12.05 -9.76
CA SER A 151 -14.72 -12.41 -11.00
C SER A 151 -15.55 -11.22 -11.46
N ALA A 152 -16.34 -11.44 -12.52
CA ALA A 152 -17.19 -10.37 -13.05
C ALA A 152 -18.19 -9.89 -12.00
N GLU A 153 -18.56 -10.75 -11.05
CA GLU A 153 -19.49 -10.36 -9.99
C GLU A 153 -18.97 -9.20 -9.15
N ASP A 154 -17.69 -8.87 -9.24
CA ASP A 154 -17.11 -7.76 -8.49
C ASP A 154 -16.78 -6.57 -9.37
N VAL A 155 -17.44 -6.45 -10.52
CA VAL A 155 -17.15 -5.41 -11.51
C VAL A 155 -18.44 -4.65 -11.79
N LEU A 156 -18.49 -3.38 -11.37
CA LEU A 156 -19.63 -2.53 -11.68
C LEU A 156 -19.55 -2.11 -13.14
N ASN A 157 -20.51 -2.56 -13.94
CA ASN A 157 -20.51 -2.35 -15.38
C ASN A 157 -21.47 -1.21 -15.71
N LEU A 158 -20.92 -0.10 -16.22
CA LEU A 158 -21.70 1.06 -16.61
C LEU A 158 -21.63 1.27 -18.11
N ASP A 159 -22.65 1.94 -18.65
CA ASP A 159 -22.78 2.14 -20.08
C ASP A 159 -23.10 3.59 -20.39
N SER A 160 -22.46 4.13 -21.42
CA SER A 160 -22.77 5.45 -21.96
C SER A 160 -22.72 5.44 -23.48
N SER A 161 -23.12 4.33 -24.09
CA SER A 161 -22.95 4.11 -25.52
C SER A 161 -23.96 4.93 -26.33
N THR A 162 -23.62 5.14 -27.59
CA THR A 162 -24.52 5.75 -28.57
C THR A 162 -24.63 4.86 -29.79
N ASP A 163 -25.22 5.37 -30.87
CA ASP A 163 -25.30 4.60 -32.11
C ASP A 163 -23.95 4.47 -32.80
N GLU A 164 -22.96 5.30 -32.41
CA GLU A 164 -21.66 5.28 -33.05
C GLU A 164 -20.52 4.87 -32.11
N LYS A 165 -20.70 4.98 -30.79
CA LYS A 165 -19.63 4.70 -29.84
C LYS A 165 -20.12 3.74 -28.77
N PHE A 166 -19.39 2.64 -28.59
CA PHE A 166 -19.68 1.67 -27.54
C PHE A 166 -18.84 2.04 -26.33
N SER A 167 -19.42 2.80 -25.41
CA SER A 167 -18.72 3.39 -24.28
C SER A 167 -19.14 2.70 -23.00
N ARG A 168 -18.16 2.15 -22.27
CA ARG A 168 -18.42 1.42 -21.04
C ARG A 168 -17.37 1.77 -20.01
N HIS A 169 -17.80 1.98 -18.77
CA HIS A 169 -16.91 2.19 -17.62
C HIS A 169 -17.01 0.99 -16.69
N LEU A 170 -15.86 0.44 -16.32
CA LEU A 170 -15.79 -0.66 -15.37
C LEU A 170 -15.11 -0.19 -14.10
N ILE A 171 -15.77 -0.38 -12.96
CA ILE A 171 -15.20 -0.07 -11.65
C ILE A 171 -15.16 -1.38 -10.87
N PHE A 172 -13.95 -1.81 -10.50
CA PHE A 172 -13.78 -3.05 -9.76
C PHE A 172 -14.01 -2.82 -8.28
N GLN A 173 -14.74 -3.75 -7.66
CA GLN A 173 -15.07 -3.69 -6.24
C GLN A 173 -14.35 -4.85 -5.56
N LEU A 174 -13.07 -4.64 -5.26
CA LEU A 174 -12.23 -5.69 -4.70
C LEU A 174 -12.40 -5.78 -3.19
N HIS A 175 -12.25 -7.00 -2.67
CA HIS A 175 -12.46 -7.28 -1.26
C HIS A 175 -11.21 -6.87 -0.49
N ASP A 176 -11.27 -5.72 0.17
CA ASP A 176 -10.18 -5.25 1.03
C ASP A 176 -8.88 -5.05 0.26
N VAL A 177 -8.98 -4.61 -0.99
CA VAL A 177 -7.81 -4.37 -1.83
C VAL A 177 -7.99 -3.03 -2.54
N ALA A 178 -6.87 -2.35 -2.78
CA ALA A 178 -6.87 -1.10 -3.51
C ALA A 178 -5.45 -0.83 -3.99
N PHE A 179 -5.34 0.11 -4.94
CA PHE A 179 -4.06 0.52 -5.48
C PHE A 179 -3.58 1.78 -4.78
N LYS A 180 -2.26 1.94 -4.71
CA LYS A 180 -1.68 3.12 -4.06
C LYS A 180 -2.25 4.41 -4.65
N ASP A 181 -2.40 4.47 -5.97
CA ASP A 181 -3.05 5.58 -6.64
C ASP A 181 -3.30 5.18 -8.09
N ASN A 182 -3.96 6.07 -8.84
CA ASN A 182 -4.35 5.73 -10.21
C ASN A 182 -3.16 5.63 -11.14
N ILE A 183 -2.04 6.28 -10.82
CA ILE A 183 -0.83 6.09 -11.62
C ILE A 183 -0.39 4.64 -11.56
N HIS A 184 -0.43 4.02 -10.38
CA HIS A 184 -0.04 2.63 -10.25
C HIS A 184 -1.04 1.71 -10.93
N VAL A 185 -2.31 2.12 -11.04
CA VAL A 185 -3.27 1.37 -11.84
C VAL A 185 -2.79 1.32 -13.29
N GLY A 186 -2.35 2.46 -13.83
CA GLY A 186 -1.89 2.50 -15.20
C GLY A 186 -0.66 1.64 -15.44
N ASN A 187 0.30 1.69 -14.50
CA ASN A 187 1.47 0.83 -14.61
C ASN A 187 1.08 -0.64 -14.64
N PHE A 188 0.01 -1.00 -13.91
CA PHE A 188 -0.47 -2.38 -13.92
C PHE A 188 -1.04 -2.75 -15.28
N LEU A 189 -1.81 -1.86 -15.89
CA LEU A 189 -2.45 -2.19 -17.16
C LEU A 189 -1.46 -2.17 -18.33
N ARG A 190 -0.59 -1.15 -18.40
CA ARG A 190 0.46 -1.17 -19.40
C ARG A 190 1.31 -2.42 -19.29
N LYS A 191 1.48 -2.95 -18.08
CA LYS A 191 2.27 -4.16 -17.90
C LYS A 191 1.56 -5.38 -18.45
N ILE A 192 0.33 -5.61 -18.02
CA ILE A 192 -0.38 -6.83 -18.43
C ILE A 192 -0.96 -6.72 -19.84
N LEU A 193 -1.07 -5.50 -20.38
CA LEU A 193 -1.55 -5.30 -21.75
C LEU A 193 -0.42 -5.05 -22.74
N GLN A 194 0.82 -5.41 -22.38
CA GLN A 194 1.94 -5.23 -23.27
C GLN A 194 1.82 -6.16 -24.48
N PRO A 195 1.41 -7.42 -24.30
CA PRO A 195 1.21 -8.28 -25.49
C PRO A 195 0.29 -7.67 -26.53
N ALA A 196 -0.70 -6.88 -26.10
CA ALA A 196 -1.59 -6.22 -27.05
C ALA A 196 -1.01 -4.91 -27.54
N LEU A 197 -0.20 -4.24 -26.72
CA LEU A 197 0.45 -3.00 -27.15
C LEU A 197 1.44 -3.25 -28.27
N ASP A 198 2.10 -4.42 -28.27
CA ASP A 198 3.04 -4.73 -29.34
C ASP A 198 2.33 -4.82 -30.69
N LEU A 199 1.07 -5.25 -30.70
CA LEU A 199 0.30 -5.34 -31.93
C LEU A 199 0.00 -3.94 -32.47
N LEU A 200 1.01 -3.26 -32.98
CA LEU A 200 0.84 -1.91 -33.52
C LEU A 200 -0.25 -1.88 -34.59
N PRO A 261 -1.24 -15.65 -23.93
CA PRO A 261 -2.13 -14.49 -23.90
C PRO A 261 -2.45 -13.97 -25.29
N ASP A 262 -3.63 -14.31 -25.80
CA ASP A 262 -4.07 -13.89 -27.13
C ASP A 262 -5.01 -12.69 -26.95
N LEU A 263 -4.41 -11.54 -26.68
CA LEU A 263 -5.17 -10.30 -26.48
C LEU A 263 -5.53 -9.61 -27.80
N SER A 264 -5.95 -10.38 -28.80
CA SER A 264 -6.28 -9.80 -30.10
C SER A 264 -7.57 -9.00 -30.05
N PHE A 265 -8.55 -9.48 -29.28
CA PHE A 265 -9.84 -8.79 -29.18
C PHE A 265 -9.71 -7.37 -28.64
N LEU A 266 -8.55 -6.99 -28.09
CA LEU A 266 -8.36 -5.63 -27.65
C LEU A 266 -8.16 -4.67 -28.82
N VAL A 267 -7.54 -5.13 -29.90
CA VAL A 267 -7.23 -4.26 -31.03
C VAL A 267 -8.51 -3.90 -31.75
N VAL A 268 -8.69 -2.60 -32.01
CA VAL A 268 -9.87 -2.10 -32.73
C VAL A 268 -9.44 -0.93 -33.60
N LYS A 269 -10.16 -0.75 -34.71
CA LYS A 269 -9.90 0.37 -35.61
C LYS A 269 -10.46 1.65 -35.01
N ASN A 270 -9.63 2.69 -34.93
CA ASN A 270 -10.03 3.94 -34.31
C ASN A 270 -10.91 4.74 -35.26
N ASN A 271 -10.93 6.07 -35.09
CA ASN A 271 -11.76 6.91 -35.94
C ASN A 271 -11.31 6.86 -37.40
N MET A 272 -10.00 6.80 -37.63
CA MET A 272 -9.44 6.82 -38.97
C MET A 272 -8.81 5.48 -39.36
N GLY A 273 -9.36 4.38 -38.85
CA GLY A 273 -8.86 3.07 -39.20
C GLY A 273 -7.52 2.69 -38.59
N GLU A 274 -6.91 3.56 -37.79
CA GLU A 274 -5.67 3.20 -37.11
C GLU A 274 -5.98 2.25 -35.97
N LYS A 275 -5.20 1.17 -35.86
CA LYS A 275 -5.46 0.13 -34.90
C LYS A 275 -4.89 0.53 -33.53
N HIS A 276 -5.77 0.69 -32.54
CA HIS A 276 -5.34 0.93 -31.17
C HIS A 276 -6.09 -0.03 -30.24
N LEU A 277 -5.95 0.18 -28.93
CA LEU A 277 -6.49 -0.77 -27.96
C LEU A 277 -7.90 -0.40 -27.52
N PHE A 278 -8.70 -1.44 -27.27
CA PHE A 278 -10.04 -1.26 -26.74
C PHE A 278 -10.03 -0.60 -25.37
N VAL A 279 -8.92 -0.70 -24.63
CA VAL A 279 -8.78 -0.07 -23.32
C VAL A 279 -8.10 1.28 -23.49
N ASP A 280 -8.72 2.32 -22.94
CA ASP A 280 -8.14 3.66 -22.97
C ASP A 280 -7.16 3.80 -21.81
N LEU A 281 -5.87 3.90 -22.14
CA LEU A 281 -4.82 4.02 -21.13
C LEU A 281 -4.48 5.47 -20.81
N GLY A 282 -5.31 6.43 -21.25
CA GLY A 282 -5.08 7.84 -21.00
C GLY A 282 -5.87 8.41 -19.84
N VAL A 283 -6.57 7.58 -19.07
CA VAL A 283 -7.37 8.05 -17.95
C VAL A 283 -6.66 7.82 -16.61
N TYR A 284 -5.35 7.60 -16.63
CA TYR A 284 -4.61 7.31 -15.41
C TYR A 284 -3.59 8.41 -15.15
N THR A 285 -4.05 9.65 -15.03
CA THR A 285 -3.22 10.82 -14.83
C THR A 285 -3.56 11.48 -13.51
N ARG A 286 -2.70 12.40 -13.08
CA ARG A 286 -2.89 13.11 -11.83
C ARG A 286 -4.14 13.98 -11.91
N ASN A 287 -5.04 13.82 -10.94
CA ASN A 287 -6.26 14.61 -10.86
C ASN A 287 -7.15 14.37 -12.08
N ARG A 288 -7.30 13.10 -12.44
CA ARG A 288 -8.10 12.73 -13.60
C ARG A 288 -9.58 12.92 -13.29
N ASN A 289 -10.27 13.66 -14.16
CA ASN A 289 -11.72 13.73 -14.13
C ASN A 289 -12.30 12.42 -14.66
N PHE A 290 -13.44 12.02 -14.09
CA PHE A 290 -14.10 10.79 -14.52
C PHE A 290 -15.60 10.97 -14.34
N ARG A 291 -16.34 10.89 -15.45
CA ARG A 291 -17.75 11.22 -15.44
C ARG A 291 -18.50 10.39 -14.41
N LEU A 292 -19.34 11.06 -13.63
CA LEU A 292 -20.05 10.42 -12.53
C LEU A 292 -21.19 9.54 -13.04
N TYR A 293 -21.59 8.60 -12.18
CA TYR A 293 -22.79 7.82 -12.40
C TYR A 293 -23.99 8.74 -12.64
N LYS A 294 -24.73 8.45 -13.71
CA LYS A 294 -25.91 9.23 -14.10
C LYS A 294 -25.55 10.65 -14.55
N SER A 295 -24.39 10.82 -15.19
CA SER A 295 -24.00 12.10 -15.76
C SER A 295 -23.63 11.92 -17.23
N SER A 296 -23.81 13.00 -18.00
CA SER A 296 -23.53 13.00 -19.43
C SER A 296 -22.62 14.19 -19.74
N LYS A 297 -21.84 14.05 -20.80
CA LYS A 297 -21.03 15.17 -21.27
C LYS A 297 -21.93 16.35 -21.59
N ILE A 298 -21.40 17.56 -21.41
CA ILE A 298 -22.20 18.76 -21.61
C ILE A 298 -22.77 18.80 -23.02
N GLY A 299 -22.07 18.21 -23.98
CA GLY A 299 -22.57 18.15 -25.35
C GLY A 299 -23.76 17.25 -25.49
N LYS A 300 -23.53 15.94 -25.46
CA LYS A 300 -24.58 14.96 -25.68
C LYS A 300 -25.55 14.96 -24.50
N ARG A 301 -26.39 13.93 -24.42
CA ARG A 301 -27.34 13.79 -23.34
C ARG A 301 -27.43 12.35 -22.82
N VAL A 302 -26.51 11.48 -23.22
CA VAL A 302 -26.49 10.09 -22.77
C VAL A 302 -25.70 10.01 -21.48
N ALA A 303 -26.36 9.61 -20.40
CA ALA A 303 -25.74 9.52 -19.08
C ALA A 303 -25.26 8.09 -18.82
N LEU A 304 -24.27 7.98 -17.94
CA LEU A 304 -23.77 6.68 -17.53
C LEU A 304 -24.82 5.95 -16.71
N GLU A 305 -25.09 4.70 -17.07
CA GLU A 305 -26.08 3.89 -16.39
C GLU A 305 -25.59 2.46 -16.30
N VAL A 306 -26.16 1.70 -15.38
CA VAL A 306 -25.76 0.32 -15.18
C VAL A 306 -26.20 -0.52 -16.38
N THR A 307 -25.29 -1.33 -16.89
CA THR A 307 -25.62 -2.21 -18.01
C THR A 307 -26.73 -3.17 -17.63
N GLU A 308 -27.19 -3.93 -18.63
CA GLU A 308 -28.17 -4.99 -18.37
C GLU A 308 -27.49 -6.28 -17.95
N ASP A 309 -26.26 -6.51 -18.42
CA ASP A 309 -25.51 -7.71 -18.08
C ASP A 309 -24.59 -7.51 -16.88
N ASN A 310 -24.68 -6.37 -16.20
CA ASN A 310 -23.88 -6.14 -15.01
C ASN A 310 -24.14 -7.26 -14.00
N LYS A 311 -23.07 -7.71 -13.35
CA LYS A 311 -23.13 -8.79 -12.39
C LYS A 311 -22.82 -8.36 -10.96
N PHE A 312 -22.46 -7.10 -10.74
CA PHE A 312 -22.19 -6.60 -9.40
C PHE A 312 -23.47 -6.04 -8.79
N PHE A 313 -23.81 -6.53 -7.61
CA PHE A 313 -25.00 -6.09 -6.89
C PHE A 313 -24.58 -5.68 -5.48
N PRO A 314 -24.64 -4.39 -5.13
CA PRO A 314 -24.29 -3.99 -3.77
C PRO A 314 -25.16 -4.69 -2.74
N ILE A 315 -24.70 -4.65 -1.49
CA ILE A 315 -25.47 -5.22 -0.39
C ILE A 315 -26.67 -4.32 -0.09
N GLN A 316 -27.84 -4.94 0.06
CA GLN A 316 -29.06 -4.19 0.30
C GLN A 316 -29.11 -3.75 1.76
N SER A 317 -29.30 -2.45 1.97
CA SER A 317 -29.37 -1.87 3.31
C SER A 317 -30.64 -1.04 3.44
N LYS A 318 -31.23 -1.06 4.63
CA LYS A 318 -32.45 -0.31 4.88
C LYS A 318 -32.19 1.16 5.19
N ASP A 319 -30.95 1.55 5.43
CA ASP A 319 -30.60 2.92 5.78
C ASP A 319 -30.17 3.77 4.59
N VAL A 320 -30.00 3.17 3.41
CA VAL A 320 -29.60 3.89 2.21
C VAL A 320 -30.31 3.27 1.01
N SER A 321 -30.52 4.09 -0.02
CA SER A 321 -31.18 3.62 -1.23
C SER A 321 -30.22 2.83 -2.09
N ASP A 322 -30.78 1.95 -2.93
CA ASP A 322 -29.97 1.14 -3.83
C ASP A 322 -29.17 2.00 -4.80
N GLU A 323 -29.78 3.09 -5.28
CA GLU A 323 -29.07 3.97 -6.20
C GLU A 323 -27.87 4.62 -5.54
N TYR A 324 -28.00 4.99 -4.26
CA TYR A 324 -26.85 5.54 -3.54
C TYR A 324 -25.75 4.50 -3.41
N GLN A 325 -26.11 3.23 -3.23
CA GLN A 325 -25.12 2.17 -3.16
C GLN A 325 -24.32 2.10 -4.46
N TYR A 326 -25.01 2.08 -5.61
CA TYR A 326 -24.31 2.09 -6.89
C TYR A 326 -23.45 3.33 -7.03
N PHE A 327 -23.96 4.49 -6.59
CA PHE A 327 -23.18 5.71 -6.68
C PHE A 327 -21.88 5.58 -5.90
N LEU A 328 -21.95 5.13 -4.64
CA LEU A 328 -20.74 4.92 -3.85
C LEU A 328 -19.81 3.91 -4.51
N SER A 329 -20.37 2.82 -5.02
CA SER A 329 -19.54 1.82 -5.68
C SER A 329 -18.83 2.40 -6.91
N SER A 330 -19.52 3.28 -7.65
CA SER A 330 -18.96 3.80 -8.89
C SER A 330 -17.83 4.79 -8.64
N LEU A 331 -17.75 5.38 -7.46
CA LEU A 331 -16.72 6.36 -7.16
C LEU A 331 -15.35 5.69 -7.08
N VAL A 332 -14.45 6.08 -7.97
CA VAL A 332 -13.14 5.44 -8.07
C VAL A 332 -12.32 5.67 -6.80
N SER A 333 -12.40 6.88 -6.24
CA SER A 333 -11.60 7.23 -5.08
C SER A 333 -12.31 7.00 -3.76
N ASN A 334 -13.41 6.24 -3.75
CA ASN A 334 -14.15 5.93 -2.53
C ASN A 334 -13.84 4.50 -2.14
N VAL A 335 -12.67 4.30 -1.55
CA VAL A 335 -12.23 2.95 -1.17
C VAL A 335 -12.81 2.61 0.19
N ARG A 336 -13.41 1.42 0.28
CA ARG A 336 -13.99 0.95 1.53
C ARG A 336 -12.95 0.99 2.65
N PHE A 337 -13.33 1.59 3.77
CA PHE A 337 -12.50 1.57 4.96
C PHE A 337 -12.47 0.15 5.54
N SER A 338 -11.29 -0.42 5.63
CA SER A 338 -11.13 -1.78 6.14
C SER A 338 -9.83 -1.86 6.93
N ASP A 339 -9.87 -2.60 8.04
CA ASP A 339 -8.71 -2.80 8.89
C ASP A 339 -7.78 -3.90 8.38
N THR A 340 -8.06 -4.46 7.20
CA THR A 340 -7.20 -5.45 6.57
C THR A 340 -6.88 -5.06 5.13
N LEU A 341 -6.82 -3.76 4.87
CA LEU A 341 -6.66 -3.27 3.50
C LEU A 341 -5.28 -3.62 2.97
N ARG A 342 -5.24 -4.16 1.75
CA ARG A 342 -4.00 -4.39 1.02
C ARG A 342 -3.87 -3.34 -0.06
N ILE A 343 -2.74 -2.63 -0.07
CA ILE A 343 -2.49 -1.58 -1.05
C ILE A 343 -1.55 -2.14 -2.11
N LEU A 344 -2.03 -2.18 -3.36
CA LEU A 344 -1.24 -2.71 -4.46
C LEU A 344 -0.43 -1.62 -5.12
N THR A 345 0.83 -1.92 -5.40
CA THR A 345 1.73 -1.00 -6.09
C THR A 345 2.18 -1.64 -7.40
N CYS A 346 2.74 -0.80 -8.26
CA CYS A 346 3.31 -1.28 -9.52
C CYS A 346 4.15 -0.18 -10.16
N GLU A 347 5.46 -0.36 -10.16
CA GLU A 347 6.36 0.61 -10.78
C GLU A 347 6.53 0.29 -12.26
N PRO A 348 6.73 1.31 -13.10
CA PRO A 348 6.90 1.07 -14.54
C PRO A 348 8.27 0.47 -14.87
P 8OG B 3 -9.91 28.31 -17.69
OP1 8OG B 3 -8.79 28.39 -18.70
OP2 8OG B 3 -11.22 28.76 -18.30
O5' 8OG B 3 -10.04 26.78 -17.07
C5' 8OG B 3 -10.94 26.57 -16.02
C4' 8OG B 3 -10.43 25.46 -15.11
O4' 8OG B 3 -10.87 24.01 -15.72
C3' 8OG B 3 -9.12 25.47 -15.05
O3' 8OG B 3 -8.70 25.14 -13.66
C2' 8OG B 3 -8.66 24.37 -16.03
C1' 8OG B 3 -9.79 23.32 -15.96
N9 8OG B 3 -9.93 22.60 -17.24
C8 8OG B 3 -9.87 21.10 -17.45
N7 8OG B 3 -10.09 20.86 -18.92
C5 8OG B 3 -10.27 22.14 -19.53
C6 8OG B 3 -10.53 22.50 -20.98
O6 8OG B 3 -10.60 21.64 -21.80
N1 8OG B 3 -10.68 23.89 -21.36
C2 8OG B 3 -10.58 24.94 -20.33
N2 8OG B 3 -10.74 26.33 -20.71
N3 8OG B 3 -10.33 24.58 -18.93
C4 8OG B 3 -10.18 23.17 -18.53
O8 8OG B 3 -9.68 20.28 -16.61
H5' 8OG B 3 -11.80 26.32 -16.37
H5'' 8OG B 3 -11.02 27.38 -15.50
H4' 8OG B 3 -10.79 25.57 -14.23
H3' 8OG B 3 -8.78 26.33 -15.31
H2' 8OG B 3 -7.82 23.98 -15.75
H2'' 8OG B 3 -8.58 24.73 -16.93
H1' 8OG B 3 -9.62 22.70 -15.24
H7 8OG B 3 -10.10 20.09 -19.31
H1 8OG B 3 -10.82 24.09 -22.18
H21 8OG B 3 -10.68 26.95 -20.12
H22 8OG B 3 -10.87 26.54 -21.53
P DDG C 13 -8.67 10.44 -27.27
OP1 DDG C 13 -8.50 8.94 -27.36
OP2 DDG C 13 -10.10 10.80 -27.60
O5' DDG C 13 -8.30 10.95 -25.76
C5' DDG C 13 -7.81 10.03 -24.83
C4' DDG C 13 -8.07 10.58 -23.39
O4' DDG C 13 -7.60 12.06 -23.30
C3' DDG C 13 -9.33 10.57 -23.11
C2' DDG C 13 -9.79 12.11 -23.08
C1' DDG C 13 -8.74 12.73 -22.57
N9 DDG C 13 -8.72 14.21 -22.73
C8 DDG C 13 -9.15 14.78 -23.87
N7 DDG C 13 -9.02 16.12 -23.75
C5 DDG C 13 -8.51 16.38 -22.55
C6 DDG C 13 -8.15 17.69 -21.83
O6 DDG C 13 -8.31 18.73 -22.39
N1 DDG C 13 -7.61 17.66 -20.51
C2 DDG C 13 -7.42 16.39 -19.85
N2 DDG C 13 -6.87 16.32 -18.51
N3 DDG C 13 -7.76 15.14 -20.53
C4 DDG C 13 -8.33 15.19 -21.91
H5' DDG C 13 -6.85 9.92 -24.96
H5'' DDG C 13 -8.26 9.18 -24.94
H4' DDG C 13 -7.59 10.04 -22.74
H3'1 DDG C 13 -9.48 10.17 -22.25
H3'2 DDG C 13 -9.82 10.10 -23.81
H2' DDG C 13 -10.56 12.23 -22.49
H2'' DDG C 13 -9.97 12.43 -23.97
H1' DDG C 13 -8.67 12.50 -21.62
H8 DDG C 13 -9.49 14.33 -24.62
H1 DDG C 13 -7.40 18.38 -20.11
H21 DDG C 13 -6.75 15.56 -18.13
H22 DDG C 13 -6.66 17.05 -18.10
N GLU D 37 39.26 12.21 -4.48
CA GLU D 37 38.66 11.32 -3.50
C GLU D 37 37.46 10.57 -4.10
N PRO D 38 37.00 9.52 -3.42
CA PRO D 38 35.89 8.73 -3.94
C PRO D 38 34.56 9.29 -3.46
N PRO D 39 33.45 8.87 -4.07
CA PRO D 39 32.12 9.32 -3.61
C PRO D 39 31.68 8.54 -2.38
N SER D 40 31.43 9.26 -1.28
CA SER D 40 31.09 8.65 -0.02
C SER D 40 30.07 9.51 0.71
N ILE D 41 29.29 8.86 1.57
CA ILE D 41 28.31 9.53 2.43
C ILE D 41 28.48 8.98 3.84
N TRP D 42 28.81 9.86 4.78
CA TRP D 42 29.09 9.43 6.15
C TRP D 42 29.04 10.66 7.06
N ARG D 43 28.02 10.75 7.91
CA ARG D 43 27.89 11.85 8.84
C ARG D 43 27.38 11.34 10.18
N LEU D 44 27.90 11.94 11.25
CA LEU D 44 27.46 11.64 12.61
C LEU D 44 26.62 12.79 13.16
N PHE D 45 25.67 12.45 14.03
CA PHE D 45 24.76 13.43 14.59
C PHE D 45 24.50 13.10 16.06
N HIS D 46 24.25 14.16 16.84
CA HIS D 46 23.87 14.00 18.23
C HIS D 46 22.37 13.87 18.41
N ARG D 47 21.58 14.50 17.53
CA ARG D 47 20.12 14.45 17.60
C ARG D 47 19.58 13.59 16.48
N GLN D 48 18.59 12.75 16.81
CA GLN D 48 17.94 11.94 15.80
C GLN D 48 17.26 12.79 14.74
N ALA D 49 16.77 13.96 15.12
CA ALA D 49 16.10 14.85 14.17
C ALA D 49 17.07 15.32 13.10
N GLN D 50 18.25 15.78 13.52
CA GLN D 50 19.26 16.20 12.54
C GLN D 50 19.63 15.06 11.62
N ALA D 51 19.69 13.83 12.15
CA ALA D 51 20.01 12.68 11.32
C ALA D 51 18.97 12.48 10.22
N PHE D 52 17.69 12.57 10.57
CA PHE D 52 16.64 12.41 9.57
C PHE D 52 16.56 13.63 8.66
N ASN D 53 16.98 14.80 9.13
CA ASN D 53 17.07 15.96 8.25
C ASN D 53 18.07 15.72 7.13
N PHE D 54 19.23 15.14 7.45
CA PHE D 54 20.24 14.88 6.44
C PHE D 54 19.75 13.85 5.43
N VAL D 55 19.02 12.82 5.90
CA VAL D 55 18.48 11.82 4.98
C VAL D 55 17.55 12.49 3.97
N LYS D 56 16.62 13.31 4.45
CA LYS D 56 15.72 14.01 3.55
C LYS D 56 16.44 15.09 2.75
N SER D 57 17.62 15.54 3.21
CA SER D 57 18.35 16.62 2.55
C SER D 57 19.23 16.10 1.42
N CYS D 58 20.00 15.03 1.67
CA CYS D 58 20.88 14.49 0.65
C CYS D 58 20.12 13.71 -0.42
N LYS D 59 18.93 13.19 -0.10
CA LYS D 59 18.09 12.49 -1.05
C LYS D 59 18.75 11.24 -1.63
N GLU D 60 19.79 10.73 -0.96
CA GLU D 60 20.48 9.54 -1.42
C GLU D 60 19.90 8.30 -0.76
N ASP D 61 20.32 7.13 -1.27
CA ASP D 61 19.86 5.85 -0.72
C ASP D 61 20.52 5.60 0.62
N VAL D 62 20.28 6.48 1.59
CA VAL D 62 20.98 6.47 2.86
C VAL D 62 20.00 6.06 3.96
N HIS D 63 20.56 5.65 5.10
CA HIS D 63 19.77 5.14 6.21
C HIS D 63 20.40 5.56 7.53
N VAL D 64 19.59 5.52 8.59
CA VAL D 64 19.99 6.02 9.90
C VAL D 64 20.29 4.84 10.82
N PHE D 65 21.44 4.91 11.49
CA PHE D 65 21.85 3.93 12.49
C PHE D 65 22.07 4.65 13.81
N ALA D 66 21.86 3.91 14.91
CA ALA D 66 22.12 4.42 16.25
C ALA D 66 23.31 3.67 16.85
N LEU D 67 24.15 4.40 17.58
CA LEU D 67 25.36 3.84 18.17
C LEU D 67 25.36 4.11 19.66
N GLU D 68 25.41 3.04 20.46
CA GLU D 68 25.56 3.17 21.90
C GLU D 68 27.00 3.56 22.22
N CYS D 69 27.19 4.73 22.81
CA CYS D 69 28.51 5.22 23.15
C CYS D 69 28.88 4.81 24.59
N LYS D 70 30.17 4.99 24.92
CA LYS D 70 30.76 4.48 26.15
C LYS D 70 29.89 4.72 27.38
N VAL D 71 29.03 5.73 27.34
CA VAL D 71 28.15 6.03 28.48
C VAL D 71 27.41 4.79 28.91
N GLY D 72 27.17 4.65 30.22
CA GLY D 72 26.46 3.49 30.72
C GLY D 72 25.00 3.48 30.32
N ASP D 73 24.33 4.62 30.40
CA ASP D 73 22.94 4.73 29.99
C ASP D 73 22.80 4.44 28.50
N GLY D 74 21.57 4.44 28.00
CA GLY D 74 21.33 4.09 26.62
C GLY D 74 21.42 5.23 25.64
N GLN D 75 22.09 6.33 26.04
CA GLN D 75 22.23 7.46 25.14
C GLN D 75 22.99 7.06 23.88
N ARG D 76 22.53 7.55 22.74
CA ARG D 76 23.04 7.13 21.44
C ARG D 76 23.41 8.34 20.59
N ILE D 77 24.40 8.14 19.72
CA ILE D 77 24.66 9.02 18.61
C ILE D 77 24.19 8.32 17.34
N TYR D 78 23.94 9.11 16.30
CA TYR D 78 23.32 8.61 15.09
C TYR D 78 24.25 8.80 13.89
N LEU D 79 24.29 7.78 13.04
CA LEU D 79 25.18 7.75 11.89
C LEU D 79 24.35 7.51 10.64
N VAL D 80 24.61 8.29 9.59
CA VAL D 80 23.87 8.21 8.34
C VAL D 80 24.84 7.80 7.25
N THR D 81 24.54 6.69 6.58
CA THR D 81 25.34 6.20 5.46
C THR D 81 24.53 5.15 4.72
N THR D 82 25.15 4.56 3.70
CA THR D 82 24.50 3.52 2.92
C THR D 82 24.75 2.15 3.54
N TYR D 83 23.86 1.21 3.22
CA TYR D 83 24.02 -0.16 3.73
C TYR D 83 25.36 -0.74 3.31
N ALA D 84 25.80 -0.45 2.08
CA ALA D 84 27.04 -1.03 1.59
C ALA D 84 28.25 -0.43 2.32
N GLU D 85 28.31 0.89 2.40
CA GLU D 85 29.44 1.53 3.05
C GLU D 85 29.47 1.21 4.54
N PHE D 86 28.31 1.20 5.20
CA PHE D 86 28.25 0.83 6.61
C PHE D 86 28.91 -0.52 6.83
N TRP D 87 28.51 -1.54 6.06
CA TRP D 87 29.07 -2.87 6.22
C TRP D 87 30.58 -2.88 6.01
N PHE D 88 31.09 -1.99 5.15
CA PHE D 88 32.52 -1.96 4.88
C PHE D 88 33.31 -1.70 6.15
N TYR D 89 32.88 -0.73 6.95
CA TYR D 89 33.54 -0.39 8.20
C TYR D 89 32.96 -1.12 9.40
N TYR D 90 32.02 -2.04 9.17
CA TYR D 90 31.37 -2.78 10.24
C TYR D 90 31.71 -4.26 10.23
N LYS D 91 31.94 -4.84 9.05
CA LYS D 91 32.16 -6.28 8.94
C LYS D 91 33.28 -6.76 9.87
N SER D 92 34.32 -5.96 10.04
CA SER D 92 35.46 -6.40 10.84
C SER D 92 35.05 -6.73 12.27
N ARG D 93 34.06 -6.03 12.81
CA ARG D 93 33.57 -6.16 14.18
C ARG D 93 34.54 -5.58 15.21
N LYS D 94 35.69 -5.04 14.77
CA LYS D 94 36.55 -4.28 15.66
C LYS D 94 36.15 -2.81 15.71
N ASN D 95 35.49 -2.31 14.68
CA ASN D 95 35.01 -0.94 14.63
C ASN D 95 33.50 -0.89 14.86
N LEU D 96 33.03 0.25 15.33
CA LEU D 96 31.60 0.52 15.50
C LEU D 96 30.88 -0.68 16.10
N LEU D 97 30.94 -0.81 17.42
CA LEU D 97 30.28 -1.89 18.14
C LEU D 97 29.03 -1.37 18.82
N HIS D 98 28.08 -2.28 19.07
CA HIS D 98 26.85 -1.93 19.75
C HIS D 98 26.00 -0.98 18.92
N CYS D 99 25.67 -1.40 17.70
CA CYS D 99 24.91 -0.57 16.77
C CYS D 99 23.45 -1.02 16.72
N TYR D 100 22.58 -0.09 16.33
CA TYR D 100 21.16 -0.34 16.23
C TYR D 100 20.61 0.25 14.94
N GLU D 101 19.58 -0.38 14.39
CA GLU D 101 18.85 0.14 13.25
C GLU D 101 17.71 1.02 13.74
N VAL D 102 17.55 2.18 13.11
CA VAL D 102 16.48 3.10 13.42
C VAL D 102 15.38 2.85 12.40
N ILE D 103 14.33 2.12 12.81
CA ILE D 103 13.19 1.85 11.95
C ILE D 103 12.39 3.14 11.79
N PRO D 104 12.51 3.85 10.67
CA PRO D 104 11.85 5.16 10.55
C PRO D 104 10.34 5.02 10.57
N GLU D 105 9.68 5.94 11.27
CA GLU D 105 8.23 5.94 11.34
C GLU D 105 7.64 6.23 9.95
N ASN D 106 6.47 5.63 9.70
CA ASN D 106 5.72 5.80 8.46
C ASN D 106 6.43 5.21 7.26
N ALA D 107 7.51 4.46 7.45
CA ALA D 107 8.23 3.81 6.36
C ALA D 107 7.82 2.35 6.29
N VAL D 108 7.65 1.85 5.07
CA VAL D 108 7.33 0.44 4.88
C VAL D 108 8.41 -0.41 5.53
N CYS D 109 8.02 -1.59 6.01
CA CYS D 109 8.94 -2.41 6.78
C CYS D 109 8.50 -3.87 6.72
N LYS D 110 9.38 -4.74 7.19
CA LYS D 110 9.09 -6.17 7.26
C LYS D 110 8.35 -6.51 8.55
N LEU D 111 7.80 -7.72 8.57
CA LEU D 111 7.27 -8.29 9.80
C LEU D 111 8.41 -8.85 10.64
N TYR D 112 8.49 -8.42 11.90
CA TYR D 112 9.58 -8.83 12.78
C TYR D 112 9.06 -9.06 14.18
N PHE D 113 9.90 -9.66 15.01
CA PHE D 113 9.52 -10.06 16.36
C PHE D 113 10.70 -9.88 17.32
N ASP D 114 10.37 -9.61 18.58
CA ASP D 114 11.32 -9.65 19.68
C ASP D 114 10.81 -10.67 20.69
N LEU D 115 11.51 -11.79 20.81
CA LEU D 115 11.07 -12.91 21.65
C LEU D 115 12.04 -13.07 22.82
N GLU D 116 11.48 -13.24 24.02
CA GLU D 116 12.31 -13.33 25.22
C GLU D 116 11.50 -13.90 26.37
N PHE D 117 12.12 -14.79 27.13
CA PHE D 117 11.54 -15.29 28.37
C PHE D 117 12.66 -15.77 29.27
N ASN D 118 12.52 -15.53 30.57
CA ASN D 118 13.52 -15.96 31.54
C ASN D 118 13.50 -17.48 31.66
N LYS D 119 14.65 -18.11 31.45
CA LYS D 119 14.71 -19.57 31.53
C LYS D 119 14.46 -20.07 32.95
N PRO D 120 15.14 -19.56 33.98
CA PRO D 120 14.85 -20.03 35.35
C PRO D 120 13.37 -20.08 35.68
N ALA D 121 12.61 -19.06 35.27
CA ALA D 121 11.19 -19.00 35.58
C ALA D 121 10.33 -19.86 34.65
N ASN D 122 10.94 -20.53 33.68
CA ASN D 122 10.20 -21.34 32.71
C ASN D 122 10.99 -22.62 32.40
N PRO D 123 11.21 -23.46 33.41
CA PRO D 123 11.98 -24.68 33.18
C PRO D 123 11.34 -25.65 32.20
N GLY D 124 10.02 -25.56 32.00
CA GLY D 124 9.32 -26.41 31.07
C GLY D 124 9.05 -25.78 29.72
N ALA D 125 9.62 -24.60 29.44
CA ALA D 125 9.40 -23.92 28.17
C ALA D 125 10.46 -24.36 27.17
N ASP D 126 10.03 -25.04 26.11
CA ASP D 126 10.92 -25.44 25.03
C ASP D 126 10.91 -24.32 23.99
N GLY D 127 11.76 -23.32 24.22
CA GLY D 127 11.78 -22.16 23.34
C GLY D 127 11.90 -22.53 21.88
N LYS D 128 12.75 -23.50 21.56
CA LYS D 128 12.94 -23.90 20.17
C LYS D 128 11.62 -24.32 19.53
N LYS D 129 10.74 -24.96 20.30
CA LYS D 129 9.45 -25.36 19.75
C LYS D 129 8.43 -24.22 19.78
N MET D 130 8.51 -23.35 20.79
CA MET D 130 7.58 -22.23 20.88
C MET D 130 7.72 -21.32 19.66
N VAL D 131 8.96 -21.01 19.27
CA VAL D 131 9.18 -20.16 18.11
C VAL D 131 8.69 -20.84 16.84
N ALA D 132 8.80 -22.16 16.76
CA ALA D 132 8.33 -22.89 15.58
C ALA D 132 6.81 -22.79 15.47
N LEU D 133 6.10 -23.03 16.57
CA LEU D 133 4.64 -22.92 16.55
C LEU D 133 4.21 -21.47 16.33
N LEU D 134 4.89 -20.52 16.95
CA LEU D 134 4.59 -19.11 16.71
C LEU D 134 4.66 -18.79 15.22
N ILE D 135 5.75 -19.17 14.57
CA ILE D 135 5.87 -18.94 13.13
C ILE D 135 4.75 -19.63 12.38
N GLU D 136 4.41 -20.86 12.79
CA GLU D 136 3.36 -21.59 12.09
C GLU D 136 2.02 -20.90 12.24
N TYR D 137 1.76 -20.28 13.40
CA TYR D 137 0.51 -19.56 13.60
C TYR D 137 0.49 -18.27 12.81
N VAL D 138 1.57 -17.49 12.88
CA VAL D 138 1.61 -16.21 12.15
C VAL D 138 1.52 -16.46 10.66
N CYS D 139 2.19 -17.50 10.16
CA CYS D 139 2.07 -17.83 8.74
C CYS D 139 0.62 -18.15 8.38
N LYS D 140 -0.08 -18.87 9.26
CA LYS D 140 -1.50 -19.13 9.03
C LYS D 140 -2.31 -17.84 9.06
N ALA D 141 -2.01 -16.95 10.02
CA ALA D 141 -2.71 -15.69 10.09
C ALA D 141 -2.49 -14.86 8.82
N LEU D 142 -1.23 -14.74 8.39
CA LEU D 142 -0.94 -14.00 7.17
C LEU D 142 -1.70 -14.56 5.97
N GLN D 143 -1.96 -15.87 5.98
CA GLN D 143 -2.70 -16.47 4.87
C GLN D 143 -4.17 -16.08 4.91
N GLU D 144 -4.82 -16.30 6.06
CA GLU D 144 -6.25 -16.08 6.16
C GLU D 144 -6.61 -14.59 6.08
N LEU D 145 -5.76 -13.73 6.66
CA LEU D 145 -6.10 -12.32 6.76
C LEU D 145 -5.71 -11.54 5.50
N TYR D 146 -4.58 -11.90 4.89
CA TYR D 146 -4.06 -11.16 3.74
C TYR D 146 -3.82 -12.00 2.50
N GLY D 147 -3.98 -13.32 2.57
CA GLY D 147 -3.67 -14.15 1.42
C GLY D 147 -2.20 -14.29 1.12
N VAL D 148 -1.34 -14.03 2.10
CA VAL D 148 0.10 -14.14 1.93
C VAL D 148 0.52 -15.58 2.17
N ASN D 149 1.49 -16.05 1.39
CA ASN D 149 2.00 -17.42 1.50
C ASN D 149 3.46 -17.35 1.95
N CYS D 150 3.75 -17.93 3.11
CA CYS D 150 5.11 -18.01 3.62
C CYS D 150 5.19 -19.16 4.60
N SER D 151 6.41 -19.49 5.00
CA SER D 151 6.66 -20.60 5.93
C SER D 151 7.94 -20.28 6.70
N ALA D 152 8.37 -21.25 7.51
CA ALA D 152 9.59 -21.07 8.29
C ALA D 152 10.81 -20.82 7.40
N GLU D 153 10.79 -21.33 6.18
CA GLU D 153 11.88 -21.06 5.25
C GLU D 153 11.99 -19.58 4.89
N ASP D 154 11.01 -18.76 5.24
CA ASP D 154 11.01 -17.34 4.95
C ASP D 154 11.27 -16.48 6.19
N VAL D 155 11.78 -17.08 7.26
CA VAL D 155 11.94 -16.39 8.54
C VAL D 155 13.42 -16.45 8.92
N LEU D 156 14.05 -15.28 9.00
CA LEU D 156 15.43 -15.19 9.47
C LEU D 156 15.43 -15.26 10.98
N ASN D 157 15.98 -16.34 11.53
CA ASN D 157 15.98 -16.59 12.96
C ASN D 157 17.34 -16.20 13.53
N LEU D 158 17.36 -15.19 14.40
CA LEU D 158 18.57 -14.73 15.05
C LEU D 158 18.50 -15.04 16.54
N ASP D 159 19.66 -15.25 17.16
CA ASP D 159 19.73 -15.68 18.55
C ASP D 159 20.75 -14.83 19.31
N SER D 160 20.36 -14.37 20.49
CA SER D 160 21.24 -13.66 21.41
C SER D 160 20.99 -14.16 22.83
N SER D 161 20.82 -15.46 22.99
CA SER D 161 20.42 -16.05 24.26
C SER D 161 21.61 -16.32 25.16
N THR D 162 21.37 -16.27 26.47
CA THR D 162 22.36 -16.63 27.47
C THR D 162 21.82 -17.80 28.29
N ASP D 163 22.50 -18.10 29.41
CA ASP D 163 22.00 -19.10 30.34
C ASP D 163 20.75 -18.62 31.07
N GLU D 164 20.51 -17.31 31.09
CA GLU D 164 19.38 -16.74 31.81
C GLU D 164 18.21 -16.37 30.90
N LYS D 165 18.48 -15.94 29.67
CA LYS D 165 17.44 -15.43 28.77
C LYS D 165 17.44 -16.22 27.47
N PHE D 166 16.24 -16.53 26.98
CA PHE D 166 16.04 -17.10 25.65
C PHE D 166 15.64 -15.94 24.74
N SER D 167 16.63 -15.32 24.12
CA SER D 167 16.43 -14.11 23.31
C SER D 167 16.51 -14.47 21.83
N ARG D 168 15.46 -14.13 21.08
CA ARG D 168 15.43 -14.39 19.64
C ARG D 168 14.86 -13.17 18.93
N HIS D 169 15.39 -12.90 17.73
CA HIS D 169 14.84 -11.91 16.82
C HIS D 169 14.47 -12.60 15.53
N LEU D 170 13.22 -12.46 15.12
CA LEU D 170 12.73 -13.01 13.86
C LEU D 170 12.46 -11.86 12.89
N ILE D 171 12.96 -12.00 11.66
CA ILE D 171 12.67 -11.05 10.59
C ILE D 171 12.12 -11.85 9.41
N PHE D 172 10.89 -11.54 9.01
CA PHE D 172 10.26 -12.25 7.91
C PHE D 172 10.73 -11.69 6.57
N GLN D 173 10.95 -12.58 5.62
CA GLN D 173 11.42 -12.23 4.28
C GLN D 173 10.31 -12.60 3.29
N LEU D 174 9.30 -11.74 3.21
CA LEU D 174 8.13 -12.01 2.38
C LEU D 174 8.36 -11.49 0.96
N HIS D 175 7.99 -12.32 -0.01
CA HIS D 175 8.23 -12.03 -1.42
C HIS D 175 7.20 -11.02 -1.91
N ASP D 176 7.64 -9.78 -2.15
CA ASP D 176 6.77 -8.73 -2.68
C ASP D 176 5.65 -8.40 -1.70
N VAL D 177 5.97 -8.37 -0.41
CA VAL D 177 5.02 -8.05 0.63
C VAL D 177 5.73 -7.25 1.72
N ALA D 178 5.00 -6.32 2.31
CA ALA D 178 5.53 -5.53 3.42
C ALA D 178 4.37 -4.78 4.08
N PHE D 179 4.60 -4.35 5.31
CA PHE D 179 3.61 -3.61 6.07
C PHE D 179 3.80 -2.11 5.88
N LYS D 180 2.69 -1.37 5.97
CA LYS D 180 2.75 0.08 5.77
C LYS D 180 3.82 0.71 6.66
N ASP D 181 3.94 0.24 7.90
CA ASP D 181 4.98 0.70 8.81
C ASP D 181 4.94 -0.23 10.03
N ASN D 182 5.86 0.02 10.97
CA ASN D 182 5.98 -0.87 12.13
C ASN D 182 4.81 -0.70 13.09
N ILE D 183 4.19 0.49 13.12
CA ILE D 183 2.98 0.66 13.92
C ILE D 183 1.90 -0.30 13.44
N HIS D 184 1.76 -0.47 12.13
CA HIS D 184 0.77 -1.41 11.61
C HIS D 184 1.18 -2.85 11.90
N VAL D 185 2.48 -3.14 11.95
CA VAL D 185 2.92 -4.47 12.35
C VAL D 185 2.43 -4.78 13.76
N GLY D 186 2.46 -3.79 14.64
CA GLY D 186 1.98 -3.99 16.00
C GLY D 186 0.49 -4.30 16.04
N ASN D 187 -0.32 -3.50 15.33
CA ASN D 187 -1.76 -3.74 15.30
C ASN D 187 -2.06 -5.13 14.78
N PHE D 188 -1.33 -5.58 13.76
CA PHE D 188 -1.55 -6.92 13.23
C PHE D 188 -1.31 -7.98 14.28
N LEU D 189 -0.29 -7.79 15.13
CA LEU D 189 0.07 -8.81 16.11
C LEU D 189 -0.81 -8.73 17.35
N ARG D 190 -1.13 -7.51 17.81
CA ARG D 190 -2.09 -7.37 18.90
C ARG D 190 -3.43 -7.98 18.55
N LYS D 191 -3.77 -8.02 17.26
CA LYS D 191 -5.04 -8.59 16.83
C LYS D 191 -5.01 -10.11 16.88
N ILE D 192 -4.04 -10.73 16.19
CA ILE D 192 -3.99 -12.18 16.12
C ILE D 192 -3.47 -12.81 17.42
N LEU D 193 -2.85 -12.03 18.31
CA LEU D 193 -2.40 -12.51 19.60
C LEU D 193 -3.35 -12.13 20.72
N GLN D 194 -4.49 -11.53 20.41
CA GLN D 194 -5.44 -11.17 21.45
C GLN D 194 -5.97 -12.38 22.21
N PRO D 195 -6.19 -13.55 21.59
CA PRO D 195 -6.58 -14.72 22.39
C PRO D 195 -5.57 -15.06 23.46
N ALA D 196 -4.27 -14.87 23.19
CA ALA D 196 -3.26 -15.12 24.21
C ALA D 196 -3.24 -14.02 25.26
N LEU D 197 -3.47 -12.77 24.84
CA LEU D 197 -3.51 -11.66 25.78
C LEU D 197 -4.62 -11.85 26.81
N ASP D 198 -5.67 -12.59 26.44
CA ASP D 198 -6.77 -12.83 27.38
C ASP D 198 -6.36 -13.78 28.49
N LEU D 199 -5.47 -14.72 28.20
CA LEU D 199 -5.03 -15.71 29.19
C LEU D 199 -4.14 -15.11 30.27
N LEU D 200 -3.80 -13.84 30.20
CA LEU D 200 -2.93 -13.21 31.19
C LEU D 200 -3.76 -12.74 32.39
N ASP D 262 -6.22 -22.67 21.35
CA ASP D 262 -5.49 -22.03 22.44
C ASP D 262 -4.11 -21.58 21.97
N LEU D 263 -3.75 -20.34 22.32
CA LEU D 263 -2.41 -19.83 22.13
C LEU D 263 -1.65 -19.80 23.46
N SER D 264 -1.84 -20.84 24.28
CA SER D 264 -1.25 -20.85 25.61
C SER D 264 0.25 -21.11 25.58
N PHE D 265 0.77 -21.75 24.53
CA PHE D 265 2.21 -22.00 24.45
C PHE D 265 3.02 -20.72 24.48
N LEU D 266 2.40 -19.58 24.16
CA LEU D 266 3.10 -18.30 24.18
C LEU D 266 3.20 -17.70 25.58
N VAL D 267 2.42 -18.20 26.52
CA VAL D 267 2.35 -17.60 27.85
C VAL D 267 3.53 -18.08 28.68
N VAL D 268 4.25 -17.13 29.29
CA VAL D 268 5.38 -17.42 30.16
C VAL D 268 5.38 -16.45 31.32
N LYS D 269 6.04 -16.85 32.41
CA LYS D 269 6.13 -16.06 33.62
C LYS D 269 7.56 -15.56 33.80
N ASN D 270 7.68 -14.45 34.52
CA ASN D 270 8.97 -13.82 34.78
C ASN D 270 9.30 -13.90 36.28
N ASN D 271 10.31 -13.14 36.69
CA ASN D 271 10.74 -13.16 38.09
C ASN D 271 9.60 -12.80 39.02
N MET D 272 8.87 -11.74 38.71
CA MET D 272 7.82 -11.23 39.60
C MET D 272 6.58 -12.10 39.60
N GLY D 273 6.58 -13.25 38.93
CA GLY D 273 5.41 -14.11 38.89
C GLY D 273 4.32 -13.66 37.94
N GLU D 274 4.46 -12.49 37.32
CA GLU D 274 3.46 -12.01 36.39
C GLU D 274 3.49 -12.81 35.09
N LYS D 275 2.32 -13.00 34.50
CA LYS D 275 2.18 -13.72 33.24
C LYS D 275 2.15 -12.72 32.10
N HIS D 276 3.07 -12.86 31.14
CA HIS D 276 3.08 -12.07 29.93
C HIS D 276 3.29 -13.01 28.75
N LEU D 277 3.38 -12.42 27.55
CA LEU D 277 3.52 -13.22 26.34
C LEU D 277 4.99 -13.41 25.97
N PHE D 278 5.26 -14.56 25.36
CA PHE D 278 6.58 -14.84 24.79
C PHE D 278 6.98 -13.81 23.75
N VAL D 279 6.02 -13.11 23.15
CA VAL D 279 6.28 -12.07 22.16
C VAL D 279 6.27 -10.72 22.86
N ASP D 280 7.27 -9.90 22.58
CA ASP D 280 7.36 -8.55 23.14
C ASP D 280 6.62 -7.58 22.21
N LEU D 281 5.44 -7.14 22.63
CA LEU D 281 4.60 -6.27 21.83
C LEU D 281 4.90 -4.78 22.06
N GLY D 282 6.05 -4.47 22.64
CA GLY D 282 6.43 -3.08 22.86
C GLY D 282 7.52 -2.56 21.95
N VAL D 283 7.95 -3.32 20.94
CA VAL D 283 9.00 -2.89 20.03
C VAL D 283 8.42 -2.31 18.75
N TYR D 284 7.15 -1.91 18.75
CA TYR D 284 6.51 -1.38 17.56
C TYR D 284 6.13 0.08 17.78
N THR D 285 7.15 0.91 18.01
CA THR D 285 7.00 2.33 18.26
C THR D 285 7.69 3.13 17.17
N ARG D 286 7.41 4.42 17.15
CA ARG D 286 8.00 5.30 16.15
C ARG D 286 9.50 5.43 16.38
N ASN D 287 10.28 5.28 15.31
CA ASN D 287 11.74 5.43 15.38
C ASN D 287 12.35 4.41 16.33
N ARG D 288 11.79 3.20 16.34
CA ARG D 288 12.27 2.15 17.24
C ARG D 288 13.67 1.73 16.86
N ASN D 289 14.53 1.59 17.86
CA ASN D 289 15.84 0.98 17.68
C ASN D 289 15.71 -0.53 17.70
N PHE D 290 16.54 -1.20 16.91
CA PHE D 290 16.52 -2.67 16.88
C PHE D 290 17.95 -3.15 16.64
N ARG D 291 18.48 -3.89 17.62
CA ARG D 291 19.88 -4.29 17.59
C ARG D 291 20.22 -4.99 16.28
N LEU D 292 21.37 -4.63 15.73
CA LEU D 292 21.77 -5.10 14.42
C LEU D 292 22.36 -6.51 14.49
N TYR D 293 22.43 -7.14 13.32
CA TYR D 293 23.11 -8.42 13.16
C TYR D 293 24.56 -8.31 13.62
N LYS D 294 24.97 -9.26 14.47
CA LYS D 294 26.34 -9.35 14.98
C LYS D 294 26.71 -8.19 15.90
N SER D 295 25.74 -7.55 16.54
CA SER D 295 25.99 -6.50 17.51
C SER D 295 25.47 -6.95 18.88
N SER D 296 26.09 -6.41 19.93
CA SER D 296 25.70 -6.69 21.30
C SER D 296 25.49 -5.38 22.03
N LYS D 297 24.67 -5.43 23.08
CA LYS D 297 24.48 -4.28 23.94
C LYS D 297 25.82 -3.84 24.53
N ILE D 298 25.91 -2.56 24.87
CA ILE D 298 27.20 -1.95 25.21
C ILE D 298 27.86 -2.70 26.37
N GLY D 299 27.08 -3.12 27.35
CA GLY D 299 27.63 -3.80 28.51
C GLY D 299 27.39 -5.30 28.48
N LYS D 300 27.65 -5.93 27.34
CA LYS D 300 27.40 -7.36 27.18
C LYS D 300 28.41 -7.94 26.20
N ARG D 301 28.45 -9.27 26.15
CA ARG D 301 29.33 -9.99 25.25
C ARG D 301 28.58 -10.75 24.16
N VAL D 302 27.26 -10.93 24.29
CA VAL D 302 26.50 -11.76 23.38
C VAL D 302 25.94 -10.89 22.27
N ALA D 303 26.26 -11.25 21.03
CA ALA D 303 25.77 -10.55 19.85
C ALA D 303 24.76 -11.42 19.11
N LEU D 304 23.91 -10.76 18.32
CA LEU D 304 22.92 -11.47 17.54
C LEU D 304 23.59 -12.29 16.45
N GLU D 305 23.27 -13.58 16.39
CA GLU D 305 23.83 -14.47 15.40
C GLU D 305 22.74 -15.37 14.87
N VAL D 306 22.97 -15.93 13.68
CA VAL D 306 21.99 -16.82 13.05
C VAL D 306 21.81 -18.05 13.93
N THR D 307 20.56 -18.33 14.27
CA THR D 307 20.24 -19.46 15.14
C THR D 307 20.64 -20.77 14.48
N GLU D 308 20.82 -21.80 15.32
CA GLU D 308 21.18 -23.13 14.81
C GLU D 308 20.15 -23.64 13.81
N ASP D 309 18.87 -23.49 14.12
CA ASP D 309 17.80 -24.08 13.32
C ASP D 309 17.17 -23.09 12.35
N ASN D 310 17.83 -21.97 12.07
CA ASN D 310 17.33 -21.04 11.07
C ASN D 310 17.18 -21.74 9.73
N LYS D 311 16.09 -21.44 9.03
CA LYS D 311 15.78 -22.09 7.76
C LYS D 311 15.68 -21.13 6.59
N PHE D 312 15.93 -19.83 6.78
CA PHE D 312 15.98 -18.89 5.67
C PHE D 312 17.41 -18.80 5.16
N PHE D 313 17.59 -19.06 3.87
CA PHE D 313 18.90 -19.02 3.24
C PHE D 313 18.88 -18.06 2.06
N PRO D 314 19.53 -16.90 2.15
CA PRO D 314 19.54 -15.98 1.00
C PRO D 314 20.14 -16.65 -0.23
N ILE D 315 19.72 -16.16 -1.40
CA ILE D 315 20.30 -16.64 -2.65
C ILE D 315 21.72 -16.10 -2.77
N GLN D 316 22.68 -17.01 -2.95
CA GLN D 316 24.08 -16.62 -3.02
C GLN D 316 24.42 -16.05 -4.38
N SER D 317 25.26 -15.02 -4.40
CA SER D 317 25.77 -14.43 -5.63
C SER D 317 27.26 -14.20 -5.50
N LYS D 318 27.93 -14.13 -6.66
CA LYS D 318 29.36 -13.92 -6.68
C LYS D 318 29.75 -12.49 -6.31
N ASP D 319 28.81 -11.55 -6.32
CA ASP D 319 29.11 -10.14 -6.17
C ASP D 319 29.00 -9.64 -4.73
N VAL D 320 28.47 -10.44 -3.81
CA VAL D 320 28.36 -10.05 -2.41
C VAL D 320 28.58 -11.27 -1.53
N SER D 321 29.10 -11.03 -0.33
CA SER D 321 29.35 -12.11 0.61
C SER D 321 28.05 -12.57 1.26
N ASP D 322 28.07 -13.81 1.75
CA ASP D 322 26.89 -14.37 2.41
C ASP D 322 26.54 -13.58 3.65
N GLU D 323 27.54 -13.08 4.38
CA GLU D 323 27.28 -12.29 5.58
C GLU D 323 26.52 -11.01 5.23
N TYR D 324 26.91 -10.36 4.14
CA TYR D 324 26.18 -9.18 3.71
C TYR D 324 24.74 -9.53 3.35
N GLN D 325 24.53 -10.68 2.70
CA GLN D 325 23.18 -11.12 2.40
C GLN D 325 22.34 -11.24 3.66
N TYR D 326 22.92 -11.80 4.73
CA TYR D 326 22.19 -11.91 5.99
C TYR D 326 21.99 -10.55 6.63
N PHE D 327 22.99 -9.68 6.54
CA PHE D 327 22.84 -8.32 7.06
C PHE D 327 21.67 -7.61 6.38
N LEU D 328 21.62 -7.66 5.05
CA LEU D 328 20.53 -7.01 4.32
C LEU D 328 19.18 -7.62 4.68
N SER D 329 19.14 -8.95 4.87
CA SER D 329 17.89 -9.60 5.20
C SER D 329 17.41 -9.25 6.60
N SER D 330 18.34 -9.00 7.53
CA SER D 330 17.98 -8.72 8.90
C SER D 330 17.53 -7.29 9.12
N LEU D 331 17.82 -6.38 8.20
CA LEU D 331 17.40 -4.99 8.34
C LEU D 331 15.90 -4.90 8.14
N VAL D 332 15.19 -4.44 9.18
CA VAL D 332 13.72 -4.40 9.14
C VAL D 332 13.25 -3.42 8.07
N SER D 333 13.97 -2.32 7.90
CA SER D 333 13.58 -1.27 6.95
C SER D 333 14.04 -1.54 5.53
N ASN D 334 14.85 -2.58 5.31
CA ASN D 334 15.39 -2.85 3.98
C ASN D 334 14.38 -3.70 3.19
N VAL D 335 13.34 -3.03 2.74
CA VAL D 335 12.29 -3.68 1.96
C VAL D 335 12.77 -3.81 0.51
N ARG D 336 12.83 -5.05 0.03
CA ARG D 336 13.35 -5.30 -1.31
C ARG D 336 12.51 -4.59 -2.36
N PHE D 337 13.17 -3.89 -3.27
CA PHE D 337 12.48 -3.18 -4.34
C PHE D 337 11.80 -4.18 -5.28
N SER D 338 10.56 -3.88 -5.64
CA SER D 338 9.79 -4.77 -6.50
C SER D 338 8.70 -3.96 -7.19
N ASP D 339 8.45 -4.26 -8.47
CA ASP D 339 7.41 -3.59 -9.23
C ASP D 339 6.04 -4.22 -9.03
N THR D 340 5.88 -5.07 -8.01
CA THR D 340 4.60 -5.67 -7.68
C THR D 340 4.41 -5.77 -6.17
N LEU D 341 4.92 -4.78 -5.44
CA LEU D 341 4.90 -4.83 -3.99
C LEU D 341 3.47 -4.68 -3.47
N ARG D 342 3.14 -5.49 -2.46
CA ARG D 342 1.88 -5.38 -1.73
C ARG D 342 2.16 -4.81 -0.36
N ILE D 343 1.43 -3.75 0.00
CA ILE D 343 1.58 -3.08 1.29
C ILE D 343 0.42 -3.50 2.18
N LEU D 344 0.73 -4.17 3.29
CA LEU D 344 -0.28 -4.62 4.23
C LEU D 344 -0.57 -3.51 5.24
N THR D 345 -1.86 -3.27 5.50
CA THR D 345 -2.28 -2.31 6.50
C THR D 345 -3.08 -3.04 7.57
N CYS D 346 -3.10 -2.47 8.76
CA CYS D 346 -3.90 -3.02 9.86
C CYS D 346 -4.20 -1.91 10.85
N GLU D 347 -5.49 -1.62 11.05
CA GLU D 347 -5.93 -0.61 11.99
C GLU D 347 -6.29 -1.24 13.33
N PRO D 348 -6.09 -0.52 14.45
CA PRO D 348 -6.39 -1.07 15.77
C PRO D 348 -7.89 -1.27 16.01
P 8OG E 3 21.70 12.36 25.47
OP1 8OG E 3 21.31 12.09 26.91
OP2 8OG E 3 23.20 12.44 25.34
O5' 8OG E 3 21.07 11.22 24.46
C5' 8OG E 3 21.46 11.23 23.12
C4' 8OG E 3 20.35 10.68 22.25
O4' 8OG E 3 20.03 9.14 22.67
C3' 8OG E 3 19.25 11.36 22.43
O3' 8OG E 3 18.71 11.74 21.09
C2' 8OG E 3 18.25 10.43 23.17
C1' 8OG E 3 18.72 9.02 22.74
N9 8OG E 3 18.37 7.99 23.73
C8 8OG E 3 17.65 6.70 23.43
N7 8OG E 3 17.52 5.96 24.75
C5 8OG E 3 18.16 6.78 25.74
C6 8OG E 3 18.35 6.54 27.23
O6 8OG E 3 17.93 5.55 27.72
N1 8OG E 3 19.02 7.53 28.04
C2 8OG E 3 19.54 8.77 27.41
N2 8OG E 3 20.23 9.76 28.21
N3 8OG E 3 19.36 8.99 25.96
C4 8OG E 3 18.67 7.98 25.14
O8 8OG E 3 17.24 6.34 22.38
H5' 8OG E 3 22.26 10.68 23.02
H5'' 8OG E 3 21.67 12.13 22.86
H4' 8OG E 3 20.61 10.71 21.33
H3' 8OG E 3 19.43 12.16 22.96
H2' 8OG E 3 17.34 10.60 22.86
H2'' 8OG E 3 18.33 10.53 24.13
H1' 8OG E 3 18.36 8.81 21.87
H7 8OG E 3 17.16 5.20 24.87
H1 8OG E 3 19.13 7.40 28.88
H21 8OG E 3 20.33 9.63 29.06
H22 8OG E 3 20.52 10.47 27.84
P DDG F 13 11.22 -2.94 29.88
OP1 DDG F 13 9.95 -2.75 30.69
OP2 DDG F 13 11.54 -4.41 29.78
O5' DDG F 13 10.98 -2.33 28.36
C5' DDG F 13 10.23 -3.07 27.43
C4' DDG F 13 10.69 -2.70 25.98
O4' DDG F 13 11.22 -1.23 25.98
C3' DDG F 13 11.68 -3.40 25.60
C2' DDG F 13 12.97 -2.62 26.14
C1' DDG F 13 12.71 -1.36 25.77
N9 DDG F 13 13.43 -0.29 26.52
C8 DDG F 13 14.11 -0.57 27.66
N7 DDG F 13 14.66 0.58 28.11
C5 DDG F 13 14.35 1.56 27.26
C6 DDG F 13 14.67 3.05 27.24
O6 DDG F 13 15.34 3.52 28.10
N1 DDG F 13 14.19 3.88 26.18
C2 DDG F 13 13.39 3.29 25.13
N2 DDG F 13 12.88 4.10 24.05
N3 DDG F 13 13.07 1.86 25.16
C4 DDG F 13 13.58 1.01 26.27
H5' DDG F 13 10.36 -4.02 27.58
H5'' DDG F 13 9.28 -2.86 27.53
H4' DDG F 13 9.95 -2.78 25.36
H3'1 DDG F 13 11.64 -4.29 25.98
H3'2 DDG F 13 11.70 -3.45 24.62
H2' DDG F 13 13.77 -2.94 25.72
H2'' DDG F 13 13.02 -2.68 27.10
H1' DDG F 13 12.90 -1.27 24.83
H8 DDG F 13 14.17 -1.40 28.08
H1 DDG F 13 14.37 4.72 26.15
H21 DDG F 13 12.40 3.74 23.43
H22 DDG F 13 13.06 4.94 24.02
PG DTP G . -17.52 8.79 -23.64
O1G DTP G . -17.53 9.80 -24.71
O2G DTP G . -16.27 7.92 -23.77
O3G DTP G . -18.77 7.92 -23.74
PB DTP G . -16.23 9.54 -21.12
O1B DTP G . -16.70 9.67 -19.73
O2B DTP G . -15.54 8.29 -21.30
O3B DTP G . -17.50 9.58 -22.13
PA DTP G . -13.77 10.60 -22.35
O1A DTP G . -13.73 11.64 -23.50
O2A DTP G . -13.73 9.17 -22.90
O3A DTP G . -15.19 10.80 -21.46
O5' DTP G . -12.50 10.82 -21.36
C5' DTP G . -12.47 10.12 -20.16
C4' DTP G . -12.27 11.08 -19.02
O4' DTP G . -11.34 11.88 -19.28
C3' DTP G . -13.63 12.03 -18.81
O3' DTP G . -14.66 11.30 -18.01
C2' DTP G . -13.24 13.01 -18.20
C1' DTP G . -11.79 13.24 -18.76
N9 DTP G . -11.84 14.12 -19.74
C8 DTP G . -12.21 14.03 -21.03
N7 DTP G . -12.07 15.23 -21.59
C5 DTP G . -11.61 16.05 -20.66
C6 DTP G . -11.29 17.40 -20.70
N6 DTP G . -11.37 18.35 -21.83
N1 DTP G . -10.85 18.00 -19.61
C2 DTP G . -10.70 17.30 -18.45
N3 DTP G . -11.01 15.99 -18.41
C4 DTP G . -11.47 15.37 -19.51
H5'1 DTP G . -11.75 9.48 -20.18
H5'2 DTP G . -13.32 9.64 -20.04
H4' DTP G . -12.08 10.60 -18.20
H3' DTP G . -14.00 12.29 -19.67
HO3' DTP G . -15.30 11.82 -17.82
H2'1 DTP G . -13.80 13.77 -18.39
H2'2 DTP G . -13.21 12.83 -17.25
H1' DTP G . -11.19 13.55 -18.06
H8 DTP G . -12.52 13.27 -21.47
HN61 DTP G . -11.04 18.13 -22.60
HN62 DTP G . -11.75 19.12 -21.73
H2 DTP G . -10.39 17.73 -17.69
CA CA H . -14.33 6.97 -22.59
C1 GOL I . -30.81 1.22 -12.67
O1 GOL I . -30.84 2.25 -11.71
C2 GOL I . -29.85 0.12 -12.23
O2 GOL I . -29.87 0.01 -10.82
C3 GOL I . -30.26 -1.21 -12.84
O3 GOL I . -29.44 -2.24 -12.33
H11 GOL I . -30.48 1.62 -13.63
H12 GOL I . -31.81 0.81 -12.79
HO1 GOL I . -31.39 2.98 -12.02
H2 GOL I . -28.85 0.36 -12.56
HO2 GOL I . -30.77 -0.22 -10.51
H31 GOL I . -30.16 -1.16 -13.92
H32 GOL I . -31.31 -1.43 -12.60
HO3 GOL I . -29.48 -3.02 -12.93
CA CA J . 14.52 -8.60 23.33
CA CA K . 12.32 -6.86 24.66
PG DTP L . 17.97 -8.94 24.50
O1G DTP L . 18.57 -8.33 25.69
O2G DTP L . 16.45 -8.98 24.65
O3G DTP L . 18.49 -10.36 24.32
PB DTP L . 17.41 -6.88 22.50
O1B DTP L . 18.07 -6.26 21.34
O2B DTP L . 16.18 -7.50 22.10
O3B DTP L . 18.39 -8.01 23.13
PA DTP L . 15.58 -5.39 24.27
O1A DTP L . 15.70 -4.99 25.77
O2A DTP L . 14.70 -6.63 24.12
O3A DTP L . 17.11 -5.70 23.65
O5' DTP L . 14.90 -4.15 23.46
C5' DTP L . 14.50 -4.38 22.16
C4' DTP L . 14.87 -3.17 21.33
O4' DTP L . 14.47 -2.12 21.90
C3' DTP L . 16.54 -3.04 21.25
O3' DTP L . 17.09 -3.93 20.20
C2' DTP L . 16.73 -1.85 20.97
C1' DTP L . 15.57 -1.10 21.74
N9 DTP L . 16.02 -0.70 22.92
C8 DTP L . 16.38 -1.35 24.03
N7 DTP L . 16.77 -0.46 24.93
C5 DTP L . 16.68 0.75 24.36
C6 DTP L . 16.97 2.02 24.84
N6 DTP L . 17.50 2.41 26.18
N1 DTP L . 16.79 3.07 24.07
C2 DTP L . 16.31 2.91 22.81
N3 DTP L . 16.03 1.68 22.33
C4 DTP L . 16.22 0.59 23.12
H5'1 DTP L . 13.55 -4.52 22.13
H5'2 DTP L . 14.96 -5.17 21.81
H4' DTP L . 14.50 -3.24 20.44
H3' DTP L . 16.93 -3.25 22.11
HO3' DTP L . 17.84 -4.24 20.44
H2'1 DTP L . 17.59 -1.57 21.29
H2'2 DTP L . 16.65 -1.71 20.02
H1' DTP L . 15.26 -0.35 21.21
H8 DTP L . 16.34 -2.27 24.16
HN61 DTP L . 17.97 3.13 26.26
HN62 DTP L . 17.32 1.94 26.87
H2 DTP L . 16.19 3.66 22.26
C1 GOL M . 18.07 -5.46 12.80
O1 GOL M . 18.06 -4.25 13.53
C2 GOL M . 17.50 -6.59 13.67
O2 GOL M . 16.30 -7.04 13.11
C3 GOL M . 18.48 -7.74 13.80
O3 GOL M . 18.06 -8.56 14.88
H11 GOL M . 19.09 -5.71 12.51
H12 GOL M . 17.47 -5.35 11.91
HO1 GOL M . 18.49 -3.55 13.00
H2 GOL M . 17.31 -6.18 14.66
HO2 GOL M . 16.48 -7.44 12.22
H31 GOL M . 19.49 -7.35 13.99
H32 GOL M . 18.51 -8.32 12.88
HO3 GOL M . 17.17 -8.91 14.68
#